data_5DBQ
#
_entry.id   5DBQ
#
_cell.length_a   107.710
_cell.length_b   28.980
_cell.length_c   79.860
_cell.angle_alpha   90.00
_cell.angle_beta   128.32
_cell.angle_gamma   90.00
#
_symmetry.space_group_name_H-M   'C 1 2 1'
#
loop_
_entity.id
_entity.type
_entity.pdbx_description
1 polymer Thioredoxin
2 water water
#
_entity_poly.entity_id   1
_entity_poly.type   'polypeptide(L)'
_entity_poly.pdbx_seq_one_letter_code
;GSHMSIHIKDSDDLKTRLAEAGDKLVVIDFMATWCGPCKMIGPKLDEMAGEMQDSIVVVKVDVDECEDIATEYNINSMPT
FVFVKNGKKIEEFSGANVDKLRNTILKLK
;
_entity_poly.pdbx_strand_id   A,B
#
# COMPACT_ATOMS: atom_id res chain seq x y z
N MET A 4 -11.06 -5.01 -22.52
CA MET A 4 -11.23 -6.28 -21.80
C MET A 4 -11.63 -6.11 -20.32
N SER A 5 -11.29 -4.95 -19.72
CA SER A 5 -11.56 -4.66 -18.32
C SER A 5 -11.92 -3.17 -18.11
N ILE A 6 -12.75 -2.89 -17.09
CA ILE A 6 -13.18 -1.54 -16.71
C ILE A 6 -12.12 -0.92 -15.80
N HIS A 7 -11.45 0.14 -16.27
CA HIS A 7 -10.46 0.86 -15.45
C HIS A 7 -11.20 1.86 -14.57
N ILE A 8 -10.97 1.78 -13.26
CA ILE A 8 -11.62 2.65 -12.30
C ILE A 8 -10.98 4.05 -12.31
N LYS A 9 -11.82 5.08 -12.50
CA LYS A 9 -11.41 6.48 -12.54
C LYS A 9 -11.26 7.09 -11.12
N ASP A 10 -12.22 6.79 -10.22
CA ASP A 10 -12.24 7.28 -8.83
C ASP A 10 -13.12 6.44 -7.92
N SER A 11 -13.20 6.84 -6.63
CA SER A 11 -14.01 6.16 -5.62
C SER A 11 -15.47 6.08 -6.01
N ASP A 12 -16.05 7.18 -6.53
CA ASP A 12 -17.45 7.22 -6.95
C ASP A 12 -17.70 6.27 -8.14
N ASP A 13 -16.72 6.17 -9.05
CA ASP A 13 -16.79 5.28 -10.20
C ASP A 13 -16.85 3.83 -9.72
N LEU A 14 -15.95 3.43 -8.79
CA LEU A 14 -15.97 2.07 -8.23
C LEU A 14 -17.33 1.77 -7.58
N LYS A 15 -17.86 2.68 -6.73
CA LYS A 15 -19.15 2.51 -6.07
C LYS A 15 -20.30 2.29 -7.07
N THR A 16 -20.29 3.03 -8.19
CA THR A 16 -21.27 2.92 -9.27
C THR A 16 -21.15 1.55 -9.95
N ARG A 17 -19.89 1.13 -10.30
CA ARG A 17 -19.66 -0.18 -10.94
C ARG A 17 -20.19 -1.33 -10.10
N LEU A 18 -20.00 -1.26 -8.77
CA LEU A 18 -20.48 -2.28 -7.82
C LEU A 18 -22.00 -2.35 -7.77
N ALA A 19 -22.67 -1.19 -7.86
CA ALA A 19 -24.13 -1.10 -7.86
C ALA A 19 -24.71 -1.63 -9.18
N GLU A 20 -24.04 -1.31 -10.30
CA GLU A 20 -24.41 -1.67 -11.68
C GLU A 20 -24.19 -3.15 -12.03
N ALA A 21 -23.32 -3.82 -11.27
CA ALA A 21 -22.97 -5.23 -11.45
C ALA A 21 -24.13 -6.17 -11.12
N GLY A 22 -25.11 -5.68 -10.39
CA GLY A 22 -26.27 -6.46 -9.99
C GLY A 22 -25.88 -7.59 -9.07
N ASP A 23 -26.12 -8.82 -9.54
CA ASP A 23 -25.81 -10.06 -8.82
C ASP A 23 -24.51 -10.72 -9.28
N LYS A 24 -23.84 -10.15 -10.29
CA LYS A 24 -22.57 -10.67 -10.81
C LYS A 24 -21.43 -10.52 -9.82
N LEU A 25 -20.51 -11.48 -9.85
CA LEU A 25 -19.31 -11.41 -9.02
C LEU A 25 -18.43 -10.28 -9.58
N VAL A 26 -18.00 -9.37 -8.71
CA VAL A 26 -17.06 -8.31 -9.10
C VAL A 26 -15.68 -8.68 -8.56
N VAL A 27 -14.68 -8.67 -9.46
CA VAL A 27 -13.28 -8.91 -9.09
C VAL A 27 -12.59 -7.55 -9.16
N ILE A 28 -12.15 -7.03 -8.02
CA ILE A 28 -11.41 -5.76 -7.98
C ILE A 28 -9.93 -6.10 -7.99
N ASP A 29 -9.27 -5.82 -9.13
CA ASP A 29 -7.84 -6.04 -9.31
C ASP A 29 -7.07 -4.77 -8.92
N PHE A 30 -6.40 -4.81 -7.75
CA PHE A 30 -5.57 -3.70 -7.29
C PHE A 30 -4.19 -3.91 -7.89
N MET A 31 -3.84 -3.02 -8.80
CA MET A 31 -2.59 -3.12 -9.54
C MET A 31 -1.88 -1.77 -9.66
N ALA A 32 -0.74 -1.76 -10.37
CA ALA A 32 0.06 -0.57 -10.60
C ALA A 32 1.01 -0.77 -11.78
N THR A 33 1.49 0.32 -12.41
CA THR A 33 2.41 0.29 -13.54
C THR A 33 3.79 -0.28 -13.13
N TRP A 34 4.20 -0.04 -11.86
CA TRP A 34 5.45 -0.48 -11.26
C TRP A 34 5.38 -1.89 -10.67
N CYS A 35 4.21 -2.52 -10.69
CA CYS A 35 4.01 -3.83 -10.08
C CYS A 35 4.32 -5.00 -11.04
N GLY A 36 5.53 -5.55 -10.89
CA GLY A 36 6.05 -6.70 -11.64
C GLY A 36 5.10 -7.89 -11.62
N PRO A 37 4.71 -8.41 -10.43
CA PRO A 37 3.77 -9.53 -10.37
C PRO A 37 2.38 -9.25 -10.96
N CYS A 38 1.89 -7.97 -10.84
CA CYS A 38 0.58 -7.56 -11.40
C CYS A 38 0.55 -7.79 -12.92
N LYS A 39 1.65 -7.45 -13.62
CA LYS A 39 1.79 -7.59 -15.08
C LYS A 39 1.82 -9.06 -15.54
N MET A 40 2.19 -9.97 -14.66
CA MET A 40 2.22 -11.41 -14.94
C MET A 40 0.83 -12.05 -14.77
N ILE A 41 0.15 -11.76 -13.64
CA ILE A 41 -1.19 -12.30 -13.36
C ILE A 41 -2.34 -11.61 -14.13
N GLY A 42 -2.17 -10.34 -14.45
CA GLY A 42 -3.15 -9.53 -15.17
C GLY A 42 -3.66 -10.16 -16.45
N PRO A 43 -2.76 -10.59 -17.39
CA PRO A 43 -3.24 -11.23 -18.64
C PRO A 43 -4.01 -12.53 -18.38
N LYS A 44 -3.62 -13.28 -17.31
CA LYS A 44 -4.29 -14.52 -16.91
C LYS A 44 -5.73 -14.25 -16.44
N LEU A 45 -5.89 -13.14 -15.70
CA LEU A 45 -7.20 -12.71 -15.24
C LEU A 45 -8.08 -12.28 -16.44
N ASP A 46 -7.50 -11.55 -17.43
CA ASP A 46 -8.23 -11.09 -18.62
C ASP A 46 -8.80 -12.25 -19.42
N GLU A 47 -8.01 -13.32 -19.59
CA GLU A 47 -8.36 -14.53 -20.31
C GLU A 47 -9.54 -15.25 -19.66
N MET A 48 -9.51 -15.41 -18.31
CA MET A 48 -10.59 -16.01 -17.51
C MET A 48 -11.84 -15.19 -17.68
N ALA A 49 -11.71 -13.86 -17.53
CA ALA A 49 -12.81 -12.90 -17.69
C ALA A 49 -13.46 -12.99 -19.06
N GLY A 50 -12.62 -13.23 -20.10
CA GLY A 50 -13.05 -13.40 -21.48
C GLY A 50 -13.98 -14.57 -21.68
N GLU A 51 -13.76 -15.67 -20.94
CA GLU A 51 -14.56 -16.88 -20.98
C GLU A 51 -15.68 -16.86 -19.91
N MET A 52 -15.79 -15.75 -19.15
CA MET A 52 -16.81 -15.56 -18.11
C MET A 52 -17.48 -14.16 -18.17
N GLN A 53 -17.75 -13.63 -19.39
CA GLN A 53 -18.38 -12.30 -19.58
C GLN A 53 -19.79 -12.23 -18.98
N ASP A 54 -20.48 -13.36 -19.01
CA ASP A 54 -21.84 -13.54 -18.51
C ASP A 54 -21.98 -13.55 -16.98
N SER A 55 -20.90 -13.88 -16.26
CA SER A 55 -20.99 -14.06 -14.81
C SER A 55 -20.13 -13.15 -13.95
N ILE A 56 -18.99 -12.68 -14.48
CA ILE A 56 -18.07 -11.85 -13.69
C ILE A 56 -17.78 -10.49 -14.34
N VAL A 57 -17.53 -9.50 -13.50
CA VAL A 57 -17.10 -8.15 -13.90
C VAL A 57 -15.72 -7.94 -13.25
N VAL A 58 -14.71 -7.64 -14.06
CA VAL A 58 -13.37 -7.34 -13.54
C VAL A 58 -13.19 -5.83 -13.65
N VAL A 59 -12.82 -5.18 -12.53
CA VAL A 59 -12.51 -3.75 -12.47
C VAL A 59 -11.07 -3.58 -11.98
N LYS A 60 -10.27 -2.73 -12.67
CA LYS A 60 -8.88 -2.48 -12.30
C LYS A 60 -8.76 -1.14 -11.60
N VAL A 61 -8.13 -1.17 -10.42
CA VAL A 61 -7.87 0.01 -9.57
C VAL A 61 -6.33 0.24 -9.58
N ASP A 62 -5.92 1.34 -10.25
CA ASP A 62 -4.52 1.73 -10.27
C ASP A 62 -4.32 2.48 -8.96
N VAL A 63 -3.55 1.86 -8.05
CA VAL A 63 -3.27 2.40 -6.71
C VAL A 63 -2.63 3.79 -6.73
N ASP A 64 -1.91 4.14 -7.81
CA ASP A 64 -1.29 5.47 -7.96
C ASP A 64 -2.36 6.51 -8.30
N GLU A 65 -3.34 6.12 -9.13
CA GLU A 65 -4.46 6.96 -9.53
C GLU A 65 -5.52 7.11 -8.44
N CYS A 66 -5.77 6.02 -7.68
CA CYS A 66 -6.82 5.96 -6.67
C CYS A 66 -6.25 5.64 -5.28
N GLU A 67 -5.43 6.55 -4.73
CA GLU A 67 -4.79 6.38 -3.42
C GLU A 67 -5.80 6.24 -2.30
N ASP A 68 -6.92 6.95 -2.41
CA ASP A 68 -8.04 6.92 -1.45
C ASP A 68 -8.70 5.52 -1.40
N ILE A 69 -8.90 4.89 -2.58
CA ILE A 69 -9.49 3.54 -2.69
C ILE A 69 -8.56 2.51 -2.07
N ALA A 70 -7.24 2.65 -2.33
CA ALA A 70 -6.20 1.76 -1.78
C ALA A 70 -6.24 1.78 -0.24
N THR A 71 -6.47 2.98 0.35
CA THR A 71 -6.59 3.12 1.81
C THR A 71 -7.92 2.51 2.29
N GLU A 72 -9.02 2.76 1.55
CA GLU A 72 -10.37 2.24 1.88
C GLU A 72 -10.36 0.72 1.96
N TYR A 73 -9.64 0.07 1.03
CA TYR A 73 -9.54 -1.39 0.96
C TYR A 73 -8.32 -1.96 1.70
N ASN A 74 -7.60 -1.10 2.49
CA ASN A 74 -6.43 -1.46 3.29
C ASN A 74 -5.36 -2.24 2.50
N ILE A 75 -5.02 -1.75 1.31
CA ILE A 75 -4.05 -2.40 0.43
C ILE A 75 -2.64 -2.33 0.99
N ASN A 76 -2.14 -3.50 1.45
CA ASN A 76 -0.82 -3.65 2.06
C ASN A 76 0.10 -4.58 1.30
N SER A 77 -0.40 -5.20 0.23
CA SER A 77 0.35 -6.10 -0.66
C SER A 77 -0.16 -5.97 -2.09
N MET A 78 0.75 -6.11 -3.06
CA MET A 78 0.46 -5.98 -4.48
C MET A 78 0.78 -7.26 -5.24
N PRO A 79 -0.13 -7.80 -6.08
CA PRO A 79 -1.52 -7.35 -6.30
C PRO A 79 -2.41 -7.83 -5.16
N THR A 80 -3.59 -7.23 -5.05
CA THR A 80 -4.64 -7.67 -4.13
C THR A 80 -5.90 -7.81 -4.98
N PHE A 81 -6.63 -8.91 -4.78
CA PHE A 81 -7.89 -9.17 -5.44
C PHE A 81 -8.98 -9.21 -4.40
N VAL A 82 -9.98 -8.33 -4.56
CA VAL A 82 -11.10 -8.22 -3.63
C VAL A 82 -12.34 -8.65 -4.40
N PHE A 83 -13.13 -9.56 -3.80
CA PHE A 83 -14.30 -10.14 -4.43
C PHE A 83 -15.56 -9.60 -3.79
N VAL A 84 -16.41 -9.00 -4.61
CA VAL A 84 -17.66 -8.32 -4.22
C VAL A 84 -18.88 -8.92 -4.94
N LYS A 85 -19.94 -9.16 -4.20
CA LYS A 85 -21.21 -9.64 -4.74
C LYS A 85 -22.33 -8.90 -4.05
N ASN A 86 -23.17 -8.17 -4.84
CA ASN A 86 -24.30 -7.33 -4.36
C ASN A 86 -23.82 -6.28 -3.35
N GLY A 87 -22.72 -5.59 -3.70
CA GLY A 87 -22.10 -4.56 -2.89
C GLY A 87 -21.39 -5.04 -1.63
N LYS A 88 -21.48 -6.36 -1.32
CA LYS A 88 -20.86 -6.98 -0.13
C LYS A 88 -19.52 -7.64 -0.45
N LYS A 89 -18.50 -7.33 0.35
CA LYS A 89 -17.17 -7.90 0.19
C LYS A 89 -17.20 -9.30 0.76
N ILE A 90 -17.01 -10.31 -0.10
CA ILE A 90 -17.07 -11.72 0.30
C ILE A 90 -15.70 -12.18 0.73
N GLU A 91 -14.67 -11.90 -0.09
CA GLU A 91 -13.33 -12.40 0.13
C GLU A 91 -12.24 -11.49 -0.42
N GLU A 92 -11.02 -11.79 0.01
CA GLU A 92 -9.83 -11.08 -0.38
C GLU A 92 -8.64 -12.01 -0.30
N PHE A 93 -7.64 -11.76 -1.15
CA PHE A 93 -6.32 -12.39 -1.13
C PHE A 93 -5.33 -11.51 -1.90
N SER A 94 -4.06 -11.63 -1.53
CA SER A 94 -2.96 -10.90 -2.13
C SER A 94 -1.94 -11.88 -2.71
N GLY A 95 -1.17 -11.39 -3.68
CA GLY A 95 -0.15 -12.15 -4.39
C GLY A 95 -0.59 -12.51 -5.81
N ALA A 96 0.39 -12.78 -6.68
CA ALA A 96 0.11 -13.16 -8.07
C ALA A 96 -0.08 -14.68 -8.17
N ASN A 97 -1.06 -15.21 -7.42
CA ASN A 97 -1.43 -16.61 -7.31
C ASN A 97 -2.59 -16.97 -8.29
N VAL A 98 -2.25 -17.54 -9.46
CA VAL A 98 -3.19 -17.91 -10.53
C VAL A 98 -4.20 -18.98 -10.09
N ASP A 99 -3.70 -20.06 -9.44
CA ASP A 99 -4.51 -21.17 -8.94
C ASP A 99 -5.56 -20.69 -7.95
N LYS A 100 -5.17 -19.80 -7.00
CA LYS A 100 -6.11 -19.27 -6.02
C LYS A 100 -7.08 -18.32 -6.70
N LEU A 101 -6.62 -17.49 -7.66
CA LEU A 101 -7.47 -16.56 -8.43
C LEU A 101 -8.59 -17.32 -9.16
N ARG A 102 -8.22 -18.39 -9.90
CA ARG A 102 -9.16 -19.25 -10.63
C ARG A 102 -10.14 -19.89 -9.65
N ASN A 103 -9.64 -20.51 -8.58
CA ASN A 103 -10.52 -21.11 -7.58
C ASN A 103 -11.52 -20.12 -6.99
N THR A 104 -11.06 -18.94 -6.54
CA THR A 104 -11.95 -17.94 -5.95
C THR A 104 -13.07 -17.53 -6.89
N ILE A 105 -12.71 -17.27 -8.15
CA ILE A 105 -13.68 -16.91 -9.19
C ILE A 105 -14.68 -18.06 -9.43
N LEU A 106 -14.18 -19.30 -9.64
CA LEU A 106 -15.07 -20.45 -9.87
C LEU A 106 -16.08 -20.67 -8.71
N LYS A 107 -15.61 -20.63 -7.45
CA LYS A 107 -16.47 -20.85 -6.29
C LYS A 107 -17.47 -19.74 -6.01
N LEU A 108 -17.14 -18.49 -6.38
CA LEU A 108 -18.01 -17.33 -6.10
C LEU A 108 -18.91 -16.85 -7.24
N LYS A 109 -18.61 -17.19 -8.50
CA LYS A 109 -19.43 -16.72 -9.64
C LYS A 109 -20.85 -17.32 -9.74
N MET B 4 7.09 -3.71 16.73
CA MET B 4 6.28 -2.51 16.51
C MET B 4 6.97 -1.53 15.53
N SER B 5 8.02 -0.81 16.00
CA SER B 5 8.81 0.18 15.26
C SER B 5 10.11 0.47 16.03
N ILE B 6 11.26 0.55 15.33
CA ILE B 6 12.56 0.82 15.99
C ILE B 6 12.63 2.30 16.44
N HIS B 7 12.91 2.56 17.73
CA HIS B 7 13.05 3.93 18.26
C HIS B 7 14.52 4.36 18.20
N ILE B 8 14.83 5.34 17.34
CA ILE B 8 16.21 5.78 17.14
C ILE B 8 16.75 6.52 18.38
N LYS B 9 17.89 6.06 18.91
CA LYS B 9 18.57 6.64 20.07
C LYS B 9 19.43 7.87 19.69
N ASP B 10 20.19 7.76 18.57
CA ASP B 10 21.07 8.82 18.08
C ASP B 10 21.42 8.67 16.60
N SER B 11 22.25 9.59 16.07
CA SER B 11 22.72 9.58 14.68
C SER B 11 23.41 8.29 14.31
N ASP B 12 24.30 7.79 15.19
CA ASP B 12 25.03 6.55 14.95
C ASP B 12 24.09 5.35 14.90
N ASP B 13 23.05 5.38 15.75
CA ASP B 13 22.04 4.30 15.79
C ASP B 13 21.29 4.27 14.45
N LEU B 14 20.83 5.44 13.94
CA LEU B 14 20.16 5.51 12.64
C LEU B 14 21.06 4.97 11.53
N LYS B 15 22.33 5.41 11.47
CA LYS B 15 23.30 4.94 10.45
C LYS B 15 23.46 3.41 10.50
N THR B 16 23.51 2.84 11.73
CA THR B 16 23.61 1.39 11.98
C THR B 16 22.36 0.68 11.44
N ARG B 17 21.14 1.17 11.77
CA ARG B 17 19.86 0.59 11.32
C ARG B 17 19.76 0.55 9.80
N LEU B 18 20.21 1.63 9.12
CA LEU B 18 20.21 1.73 7.66
C LEU B 18 21.16 0.69 7.00
N ALA B 19 22.31 0.43 7.64
CA ALA B 19 23.27 -0.56 7.14
C ALA B 19 22.76 -1.99 7.33
N GLU B 20 22.08 -2.23 8.48
CA GLU B 20 21.53 -3.53 8.88
C GLU B 20 20.27 -3.94 8.12
N ALA B 21 19.57 -2.96 7.54
CA ALA B 21 18.32 -3.14 6.79
C ALA B 21 18.51 -3.94 5.50
N GLY B 22 19.75 -3.97 5.02
CA GLY B 22 20.12 -4.66 3.79
C GLY B 22 19.43 -4.02 2.60
N ASP B 23 18.56 -4.78 1.93
CA ASP B 23 17.81 -4.34 0.75
C ASP B 23 16.37 -3.94 1.05
N LYS B 24 15.95 -4.06 2.33
CA LYS B 24 14.59 -3.70 2.76
C LYS B 24 14.37 -2.20 2.70
N LEU B 25 13.13 -1.80 2.39
CA LEU B 25 12.75 -0.41 2.38
C LEU B 25 12.77 0.08 3.85
N VAL B 26 13.46 1.18 4.12
CA VAL B 26 13.45 1.80 5.46
C VAL B 26 12.56 3.03 5.39
N VAL B 27 11.60 3.11 6.32
CA VAL B 27 10.71 4.26 6.45
C VAL B 27 11.19 5.01 7.71
N ILE B 28 11.72 6.22 7.54
CA ILE B 28 12.14 7.05 8.67
C ILE B 28 10.99 7.99 9.00
N ASP B 29 10.32 7.73 10.13
CA ASP B 29 9.22 8.53 10.63
C ASP B 29 9.76 9.62 11.59
N PHE B 30 9.80 10.87 11.10
CA PHE B 30 10.23 12.01 11.91
C PHE B 30 8.99 12.51 12.66
N MET B 31 9.00 12.33 13.96
CA MET B 31 7.87 12.64 14.82
C MET B 31 8.29 13.35 16.10
N ALA B 32 7.30 13.64 16.96
CA ALA B 32 7.52 14.29 18.25
C ALA B 32 6.33 14.07 19.18
N THR B 33 6.54 14.22 20.50
CA THR B 33 5.50 14.07 21.54
C THR B 33 4.43 15.19 21.41
N TRP B 34 4.83 16.38 20.94
CA TRP B 34 3.98 17.56 20.76
C TRP B 34 3.30 17.61 19.38
N CYS B 35 3.60 16.63 18.53
CA CYS B 35 3.05 16.61 17.18
C CYS B 35 1.68 15.86 17.09
N GLY B 36 0.61 16.65 17.08
CA GLY B 36 -0.78 16.19 16.95
C GLY B 36 -1.00 15.31 15.72
N PRO B 37 -0.66 15.76 14.50
CA PRO B 37 -0.80 14.88 13.32
C PRO B 37 0.05 13.60 13.36
N CYS B 38 1.27 13.64 13.98
CA CYS B 38 2.16 12.47 14.12
C CYS B 38 1.45 11.35 14.88
N LYS B 39 0.73 11.69 15.96
CA LYS B 39 -0.01 10.73 16.81
C LYS B 39 -1.21 10.09 16.10
N MET B 40 -1.73 10.75 15.05
CA MET B 40 -2.84 10.23 14.24
C MET B 40 -2.32 9.26 13.17
N ILE B 41 -1.26 9.63 12.42
CA ILE B 41 -0.65 8.81 11.37
C ILE B 41 0.21 7.63 11.89
N GLY B 42 0.89 7.82 13.03
CA GLY B 42 1.75 6.84 13.68
C GLY B 42 1.15 5.45 13.85
N PRO B 43 -0.07 5.31 14.43
CA PRO B 43 -0.68 3.98 14.57
C PRO B 43 -1.06 3.35 13.22
N LYS B 44 -1.41 4.17 12.21
CA LYS B 44 -1.74 3.73 10.85
C LYS B 44 -0.51 3.15 10.17
N LEU B 45 0.66 3.78 10.40
CA LEU B 45 1.93 3.29 9.87
C LEU B 45 2.29 1.95 10.53
N ASP B 46 2.06 1.81 11.86
CA ASP B 46 2.36 0.58 12.61
C ASP B 46 1.58 -0.62 12.07
N GLU B 47 0.29 -0.42 11.78
CA GLU B 47 -0.65 -1.41 11.25
C GLU B 47 -0.19 -1.89 9.85
N MET B 48 0.13 -0.94 8.95
CA MET B 48 0.68 -1.22 7.61
C MET B 48 1.96 -2.07 7.78
N ALA B 49 2.93 -1.61 8.66
CA ALA B 49 4.21 -2.28 8.99
C ALA B 49 3.99 -3.72 9.51
N GLY B 50 2.92 -3.92 10.30
CA GLY B 50 2.52 -5.21 10.85
C GLY B 50 2.19 -6.23 9.79
N GLU B 51 1.61 -5.77 8.65
CA GLU B 51 1.28 -6.61 7.51
C GLU B 51 2.42 -6.66 6.47
N MET B 52 3.57 -5.98 6.76
CA MET B 52 4.76 -5.91 5.89
C MET B 52 6.10 -6.10 6.68
N GLN B 53 6.13 -7.02 7.67
CA GLN B 53 7.33 -7.28 8.49
C GLN B 53 8.51 -7.80 7.64
N ASP B 54 8.17 -8.55 6.61
CA ASP B 54 9.09 -9.19 5.68
C ASP B 54 9.79 -8.22 4.69
N SER B 55 9.19 -7.05 4.43
CA SER B 55 9.69 -6.15 3.41
C SER B 55 10.13 -4.77 3.85
N ILE B 56 9.54 -4.24 4.94
CA ILE B 56 9.84 -2.89 5.40
C ILE B 56 10.33 -2.82 6.84
N VAL B 57 11.17 -1.83 7.12
CA VAL B 57 11.69 -1.50 8.45
C VAL B 57 11.25 -0.06 8.73
N VAL B 58 10.52 0.14 9.84
CA VAL B 58 10.08 1.49 10.22
C VAL B 58 10.95 1.89 11.41
N VAL B 59 11.60 3.07 11.32
CA VAL B 59 12.41 3.66 12.39
C VAL B 59 11.83 5.01 12.76
N LYS B 60 11.64 5.28 14.08
CA LYS B 60 11.07 6.55 14.54
C LYS B 60 12.18 7.42 15.10
N VAL B 61 12.24 8.66 14.61
CA VAL B 61 13.21 9.67 15.03
C VAL B 61 12.43 10.78 15.77
N ASP B 62 12.64 10.86 17.09
CA ASP B 62 12.02 11.89 17.91
C ASP B 62 12.94 13.09 17.72
N VAL B 63 12.42 14.12 17.04
CA VAL B 63 13.16 15.35 16.72
C VAL B 63 13.69 16.09 17.97
N ASP B 64 13.04 15.90 19.14
CA ASP B 64 13.49 16.51 20.41
C ASP B 64 14.70 15.75 20.95
N GLU B 65 14.71 14.42 20.77
CA GLU B 65 15.81 13.56 21.21
C GLU B 65 16.99 13.61 20.25
N CYS B 66 16.73 13.73 18.93
CA CYS B 66 17.75 13.70 17.88
C CYS B 66 17.75 15.00 17.05
N GLU B 67 18.09 16.13 17.69
CA GLU B 67 18.12 17.46 17.05
C GLU B 67 19.09 17.53 15.87
N ASP B 68 20.20 16.83 15.99
CA ASP B 68 21.26 16.71 15.00
C ASP B 68 20.74 15.97 13.73
N ILE B 69 19.95 14.89 13.90
CA ILE B 69 19.37 14.12 12.78
C ILE B 69 18.36 14.98 12.04
N ALA B 70 17.52 15.73 12.81
CA ALA B 70 16.50 16.63 12.24
C ALA B 70 17.18 17.69 11.33
N THR B 71 18.37 18.19 11.74
CA THR B 71 19.12 19.13 10.93
C THR B 71 19.71 18.43 9.70
N GLU B 72 20.28 17.22 9.90
CA GLU B 72 20.88 16.41 8.83
C GLU B 72 19.89 16.16 7.69
N TYR B 73 18.62 15.86 8.06
CA TYR B 73 17.56 15.56 7.10
C TYR B 73 16.72 16.81 6.72
N ASN B 74 17.18 18.03 7.14
CA ASN B 74 16.52 19.34 6.90
C ASN B 74 15.02 19.34 7.21
N ILE B 75 14.65 18.81 8.38
CA ILE B 75 13.26 18.71 8.80
C ILE B 75 12.67 20.09 9.12
N ASN B 76 11.77 20.53 8.24
CA ASN B 76 11.10 21.83 8.34
C ASN B 76 9.58 21.71 8.48
N SER B 77 9.04 20.47 8.41
CA SER B 77 7.61 20.17 8.56
C SER B 77 7.44 18.84 9.31
N MET B 78 6.39 18.76 10.14
CA MET B 78 6.08 17.61 10.97
C MET B 78 4.70 17.01 10.65
N PRO B 79 4.56 15.69 10.45
CA PRO B 79 5.65 14.69 10.36
C PRO B 79 6.32 14.74 8.98
N THR B 80 7.50 14.15 8.87
CA THR B 80 8.21 13.96 7.62
C THR B 80 8.56 12.48 7.53
N PHE B 81 8.33 11.87 6.34
CA PHE B 81 8.68 10.49 6.08
C PHE B 81 9.73 10.45 5.02
N VAL B 82 10.88 9.83 5.34
CA VAL B 82 12.02 9.72 4.44
C VAL B 82 12.17 8.21 4.12
N PHE B 83 12.30 7.87 2.82
CA PHE B 83 12.36 6.49 2.34
C PHE B 83 13.75 6.16 1.84
N VAL B 84 14.36 5.16 2.49
CA VAL B 84 15.74 4.76 2.26
C VAL B 84 15.80 3.30 1.83
N LYS B 85 16.62 3.02 0.82
CA LYS B 85 16.86 1.65 0.35
C LYS B 85 18.34 1.56 0.03
N ASN B 86 19.04 0.61 0.71
CA ASN B 86 20.49 0.36 0.59
C ASN B 86 21.32 1.60 0.95
N GLY B 87 20.93 2.26 2.04
CA GLY B 87 21.58 3.46 2.54
C GLY B 87 21.36 4.73 1.73
N LYS B 88 20.69 4.62 0.57
CA LYS B 88 20.43 5.75 -0.31
C LYS B 88 19.00 6.25 -0.09
N LYS B 89 18.85 7.58 -0.02
CA LYS B 89 17.54 8.20 0.10
C LYS B 89 16.87 8.15 -1.28
N ILE B 90 15.65 7.61 -1.33
CA ILE B 90 14.86 7.49 -2.58
C ILE B 90 13.98 8.72 -2.74
N GLU B 91 13.15 9.00 -1.73
CA GLU B 91 12.20 10.12 -1.75
C GLU B 91 11.76 10.51 -0.36
N GLU B 92 10.96 11.58 -0.29
CA GLU B 92 10.55 12.17 0.95
C GLU B 92 9.28 12.94 0.79
N PHE B 93 8.49 12.99 1.87
CA PHE B 93 7.28 13.83 1.94
C PHE B 93 6.96 14.22 3.38
N SER B 94 6.20 15.32 3.52
CA SER B 94 5.75 15.82 4.80
C SER B 94 4.23 15.86 4.88
N GLY B 95 3.71 15.83 6.10
CA GLY B 95 2.28 15.82 6.41
C GLY B 95 1.77 14.46 6.82
N ALA B 96 0.65 14.43 7.58
CA ALA B 96 0.02 13.20 8.06
C ALA B 96 -0.96 12.68 7.00
N ASN B 97 -0.43 12.39 5.82
CA ASN B 97 -1.15 11.92 4.65
C ASN B 97 -1.05 10.38 4.52
N VAL B 98 -2.09 9.67 4.99
CA VAL B 98 -2.19 8.20 5.01
C VAL B 98 -2.14 7.60 3.58
N ASP B 99 -2.92 8.18 2.65
CA ASP B 99 -3.00 7.72 1.26
C ASP B 99 -1.64 7.80 0.56
N LYS B 100 -0.89 8.93 0.78
CA LYS B 100 0.44 9.08 0.19
C LYS B 100 1.41 8.14 0.86
N LEU B 101 1.32 7.96 2.20
CA LEU B 101 2.19 7.06 2.95
C LEU B 101 2.06 5.60 2.46
N ARG B 102 0.81 5.13 2.30
CA ARG B 102 0.50 3.79 1.76
C ARG B 102 1.04 3.66 0.34
N ASN B 103 0.75 4.66 -0.52
CA ASN B 103 1.21 4.67 -1.90
C ASN B 103 2.72 4.54 -2.01
N THR B 104 3.48 5.34 -1.23
CA THR B 104 4.94 5.34 -1.24
C THR B 104 5.53 4.01 -0.81
N ILE B 105 4.98 3.43 0.28
CA ILE B 105 5.41 2.13 0.79
C ILE B 105 5.13 1.02 -0.25
N LEU B 106 3.91 0.95 -0.80
CA LEU B 106 3.56 -0.06 -1.81
C LEU B 106 4.49 -0.01 -3.04
N LYS B 107 4.75 1.19 -3.59
CA LYS B 107 5.62 1.34 -4.77
C LYS B 107 7.11 1.06 -4.54
N LEU B 108 7.60 1.31 -3.31
CA LEU B 108 9.01 1.16 -2.97
C LEU B 108 9.44 -0.15 -2.29
N LYS B 109 8.51 -0.88 -1.68
CA LYS B 109 8.88 -2.10 -0.97
C LYS B 109 9.31 -3.31 -1.87
#